data_1PMP
#
_entry.id   1PMP
#
_cell.length_a   91.800
_cell.length_b   99.500
_cell.length_c   56.500
_cell.angle_alpha   90.00
_cell.angle_beta   90.00
_cell.angle_gamma   90.00
#
_symmetry.space_group_name_H-M   'P 21 21 21'
#
loop_
_entity.id
_entity.type
_entity.pdbx_description
1 polymer 'P2 MYELIN PROTEIN'
2 non-polymer 'OLEIC ACID'
3 water water
#
_entity_poly.entity_id   1
_entity_poly.type   'polypeptide(L)'
_entity_poly.pdbx_seq_one_letter_code
;SNKFLGTWKLVSSENFDEYMKALGVGLATRKLGNLAKPRVIISKKGDIITIRTESPFKNTEISFKLGQEFEETTADNRKT
KSTVTLARGSLNQVQKWNGNETTIKRKLVDGKMVVECKMKDVVCTRIYEKV
;
_entity_poly.pdbx_strand_id   A,B,C
#
# COMPACT_ATOMS: atom_id res chain seq x y z
N SER A 1 -9.86 0.52 17.27
CA SER A 1 -10.41 1.78 16.75
C SER A 1 -11.41 1.51 15.63
N ASN A 2 -11.30 2.38 14.63
CA ASN A 2 -12.20 2.27 13.46
C ASN A 2 -11.46 2.08 12.15
N LYS A 3 -10.68 3.09 11.79
CA LYS A 3 -9.97 3.04 10.52
C LYS A 3 -9.80 1.60 10.04
N PHE A 4 -9.90 0.68 10.96
CA PHE A 4 -9.76 -0.76 10.72
C PHE A 4 -11.06 -1.39 10.22
N LEU A 5 -12.14 -0.87 10.74
CA LEU A 5 -13.50 -1.31 10.43
C LEU A 5 -13.77 -1.25 8.94
N GLY A 6 -14.27 -2.35 8.41
CA GLY A 6 -14.60 -2.48 6.99
C GLY A 6 -14.15 -3.82 6.43
N THR A 7 -14.21 -3.90 5.10
CA THR A 7 -13.82 -5.09 4.34
C THR A 7 -12.52 -4.77 3.60
N TRP A 8 -11.53 -5.63 3.78
CA TRP A 8 -10.23 -5.43 3.11
C TRP A 8 -9.96 -6.66 2.25
N LYS A 9 -9.25 -6.49 1.16
CA LYS A 9 -8.89 -7.59 0.25
C LYS A 9 -7.37 -7.65 0.11
N LEU A 10 -6.82 -8.84 0.15
CA LEU A 10 -5.36 -9.00 0.01
C LEU A 10 -4.94 -8.48 -1.36
N VAL A 11 -3.83 -7.79 -1.40
CA VAL A 11 -3.26 -7.18 -2.61
C VAL A 11 -1.84 -7.64 -2.88
N SER A 12 -0.97 -7.59 -1.90
CA SER A 12 0.43 -7.99 -1.99
C SER A 12 0.84 -8.77 -0.73
N SER A 13 1.63 -9.80 -0.95
CA SER A 13 2.15 -10.66 0.11
C SER A 13 3.66 -10.89 -0.08
N GLU A 14 4.33 -11.05 1.05
CA GLU A 14 5.80 -11.25 1.05
C GLU A 14 6.26 -12.13 2.19
N ASN A 15 7.09 -13.09 1.86
CA ASN A 15 7.69 -14.09 2.74
C ASN A 15 6.64 -14.85 3.57
N PHE A 16 5.47 -15.11 3.04
CA PHE A 16 4.42 -15.82 3.80
C PHE A 16 4.71 -17.31 3.87
N ASP A 17 5.35 -17.80 2.82
CA ASP A 17 5.69 -19.24 2.76
C ASP A 17 6.55 -19.62 3.97
N GLU A 18 7.52 -18.76 4.27
CA GLU A 18 8.43 -18.98 5.40
C GLU A 18 7.78 -18.65 6.73
N TYR A 19 6.76 -17.80 6.71
CA TYR A 19 6.11 -17.50 8.01
C TYR A 19 5.41 -18.81 8.41
N MET A 20 4.67 -19.38 7.47
CA MET A 20 3.94 -20.63 7.66
C MET A 20 4.95 -21.73 8.03
N LYS A 21 5.94 -21.82 7.14
CA LYS A 21 7.02 -22.81 7.31
C LYS A 21 7.50 -22.79 8.75
N ALA A 22 7.85 -21.59 9.20
CA ALA A 22 8.34 -21.31 10.54
C ALA A 22 7.29 -21.55 11.62
N LEU A 23 6.04 -21.73 11.22
CA LEU A 23 4.96 -21.95 12.20
C LEU A 23 4.82 -23.47 12.41
N GLY A 24 5.33 -24.17 11.42
CA GLY A 24 5.32 -25.63 11.37
C GLY A 24 4.30 -26.17 10.38
N VAL A 25 3.68 -25.29 9.63
CA VAL A 25 2.68 -25.75 8.63
C VAL A 25 3.37 -26.62 7.57
N GLY A 26 2.67 -27.70 7.21
CA GLY A 26 3.17 -28.65 6.21
C GLY A 26 2.70 -28.33 4.80
N LEU A 27 3.54 -28.67 3.84
CA LEU A 27 3.37 -28.49 2.42
C LEU A 27 1.95 -28.22 1.92
N ALA A 28 1.06 -29.14 2.19
CA ALA A 28 -0.35 -29.11 1.77
C ALA A 28 -1.00 -27.76 2.06
N THR A 29 -1.17 -27.48 3.33
CA THR A 29 -1.75 -26.25 3.83
C THR A 29 -1.04 -25.01 3.28
N ARG A 30 0.22 -25.16 2.99
CA ARG A 30 1.07 -24.09 2.45
C ARG A 30 0.76 -23.80 0.99
N LYS A 31 0.59 -24.83 0.16
CA LYS A 31 0.29 -24.55 -1.27
C LYS A 31 -1.01 -23.76 -1.35
N LEU A 32 -1.90 -24.08 -0.45
CA LEU A 32 -3.21 -23.41 -0.37
C LEU A 32 -3.01 -22.02 0.20
N GLY A 33 -2.23 -21.97 1.27
CA GLY A 33 -1.90 -20.75 1.99
C GLY A 33 -1.39 -19.65 1.07
N ASN A 34 -0.49 -20.05 0.20
CA ASN A 34 0.16 -19.18 -0.76
C ASN A 34 -0.76 -18.71 -1.88
N LEU A 35 -1.58 -19.61 -2.36
CA LEU A 35 -2.52 -19.43 -3.45
C LEU A 35 -3.77 -18.65 -3.13
N ALA A 36 -3.88 -18.05 -1.97
CA ALA A 36 -5.12 -17.34 -1.61
C ALA A 36 -5.03 -15.85 -1.43
N LYS A 37 -6.15 -15.26 -1.81
CA LYS A 37 -6.36 -13.81 -1.69
C LYS A 37 -7.56 -13.66 -0.74
N PRO A 38 -7.23 -13.76 0.54
CA PRO A 38 -8.22 -13.65 1.60
C PRO A 38 -8.87 -12.26 1.61
N ARG A 39 -10.02 -12.22 2.25
CA ARG A 39 -10.84 -11.05 2.50
C ARG A 39 -10.99 -10.98 4.03
N VAL A 40 -10.74 -9.83 4.60
CA VAL A 40 -10.85 -9.63 6.05
C VAL A 40 -11.98 -8.64 6.32
N ILE A 41 -12.75 -8.92 7.35
CA ILE A 41 -13.88 -8.02 7.69
C ILE A 41 -13.84 -7.73 9.17
N ILE A 42 -13.32 -6.54 9.45
CA ILE A 42 -13.20 -6.06 10.84
C ILE A 42 -14.51 -5.36 11.17
N SER A 43 -15.11 -5.71 12.29
CA SER A 43 -16.40 -5.10 12.67
C SER A 43 -16.45 -4.94 14.19
N LYS A 44 -17.18 -3.94 14.61
CA LYS A 44 -17.36 -3.61 16.02
C LYS A 44 -18.80 -3.55 16.48
N LYS A 45 -19.11 -4.34 17.50
CA LYS A 45 -20.44 -4.38 18.10
C LYS A 45 -20.24 -4.24 19.62
N GLY A 46 -20.56 -3.06 20.10
CA GLY A 46 -20.38 -2.76 21.54
C GLY A 46 -18.86 -2.53 21.75
N ASP A 47 -18.29 -3.42 22.53
CA ASP A 47 -16.86 -3.41 22.86
C ASP A 47 -16.18 -4.69 22.38
N ILE A 48 -16.92 -5.47 21.61
CA ILE A 48 -16.41 -6.72 21.04
C ILE A 48 -16.16 -6.48 19.54
N ILE A 49 -14.92 -6.70 19.20
CA ILE A 49 -14.42 -6.53 17.83
C ILE A 49 -14.31 -7.90 17.16
N THR A 50 -14.65 -7.91 15.88
CA THR A 50 -14.61 -9.12 15.07
C THR A 50 -13.69 -8.94 13.87
N ILE A 51 -12.88 -9.96 13.66
CA ILE A 51 -11.95 -10.07 12.55
C ILE A 51 -12.28 -11.41 11.85
N ARG A 52 -12.71 -11.27 10.61
CA ARG A 52 -13.10 -12.45 9.84
C ARG A 52 -12.38 -12.61 8.53
N THR A 53 -11.70 -13.73 8.41
CA THR A 53 -10.92 -14.09 7.22
C THR A 53 -11.64 -15.20 6.47
N GLU A 54 -12.00 -14.82 5.26
CA GLU A 54 -12.72 -15.62 4.28
C GLU A 54 -11.87 -15.89 3.04
N SER A 55 -11.93 -17.15 2.67
CA SER A 55 -11.24 -17.72 1.52
C SER A 55 -11.96 -19.02 1.14
N PRO A 56 -11.86 -19.35 -0.12
CA PRO A 56 -12.48 -20.56 -0.64
C PRO A 56 -12.16 -21.75 0.25
N PHE A 57 -10.89 -21.84 0.60
CA PHE A 57 -10.25 -22.86 1.40
C PHE A 57 -10.54 -22.91 2.87
N LYS A 58 -10.76 -21.76 3.48
CA LYS A 58 -10.99 -21.80 4.95
C LYS A 58 -11.47 -20.46 5.47
N ASN A 59 -12.15 -20.55 6.61
CA ASN A 59 -12.70 -19.40 7.31
C ASN A 59 -12.10 -19.28 8.70
N THR A 60 -12.29 -18.07 9.22
CA THR A 60 -11.74 -17.72 10.55
C THR A 60 -12.34 -16.44 11.07
N GLU A 61 -12.90 -16.52 12.26
CA GLU A 61 -13.53 -15.39 12.96
C GLU A 61 -12.94 -15.38 14.38
N ILE A 62 -12.76 -14.21 14.91
CA ILE A 62 -12.24 -13.98 16.27
C ILE A 62 -12.96 -12.73 16.83
N SER A 63 -13.37 -12.89 18.06
CA SER A 63 -14.07 -11.84 18.82
C SER A 63 -13.34 -11.60 20.12
N PHE A 64 -12.84 -10.38 20.19
CA PHE A 64 -12.06 -9.93 21.34
C PHE A 64 -12.46 -8.51 21.79
N LYS A 65 -11.90 -8.24 22.94
CA LYS A 65 -11.97 -6.98 23.68
C LYS A 65 -10.50 -6.56 23.78
N LEU A 66 -10.17 -5.37 23.34
CA LEU A 66 -8.75 -4.94 23.44
C LEU A 66 -8.36 -5.06 24.93
N GLY A 67 -7.15 -5.51 25.16
CA GLY A 67 -6.63 -5.65 26.52
C GLY A 67 -6.90 -7.03 27.11
N GLN A 68 -8.14 -7.46 27.04
CA GLN A 68 -8.52 -8.77 27.59
C GLN A 68 -7.83 -9.88 26.78
N GLU A 69 -7.64 -10.99 27.48
CA GLU A 69 -7.02 -12.19 26.90
C GLU A 69 -8.11 -13.13 26.39
N PHE A 70 -7.77 -13.87 25.34
CA PHE A 70 -8.76 -14.80 24.74
C PHE A 70 -8.06 -16.00 24.13
N GLU A 71 -8.88 -17.01 23.88
CA GLU A 71 -8.42 -18.25 23.27
C GLU A 71 -8.94 -18.27 21.82
N GLU A 72 -7.96 -18.35 20.95
CA GLU A 72 -8.16 -18.33 19.49
C GLU A 72 -7.67 -19.62 18.86
N THR A 73 -8.45 -20.12 17.92
CA THR A 73 -8.05 -21.32 17.16
C THR A 73 -7.59 -20.72 15.82
N THR A 74 -6.35 -20.97 15.49
CA THR A 74 -5.79 -20.40 14.24
C THR A 74 -6.34 -21.14 13.04
N ALA A 75 -5.93 -20.68 11.87
CA ALA A 75 -6.35 -21.28 10.60
C ALA A 75 -5.56 -22.57 10.39
N ASP A 76 -4.54 -22.72 11.24
CA ASP A 76 -3.65 -23.89 11.17
C ASP A 76 -3.81 -24.85 12.34
N ASN A 77 -4.99 -24.81 12.93
CA ASN A 77 -5.37 -25.72 14.01
C ASN A 77 -4.73 -25.49 15.36
N ARG A 78 -3.94 -24.45 15.50
CA ARG A 78 -3.28 -24.12 16.78
C ARG A 78 -4.31 -23.55 17.76
N LYS A 79 -4.08 -23.81 19.02
CA LYS A 79 -4.92 -23.31 20.13
C LYS A 79 -4.04 -22.37 20.96
N THR A 80 -4.27 -21.10 20.74
CA THR A 80 -3.58 -19.94 21.26
C THR A 80 -4.25 -19.08 22.32
N LYS A 81 -3.41 -18.42 23.09
CA LYS A 81 -3.74 -17.48 24.17
C LYS A 81 -3.33 -16.08 23.65
N SER A 82 -4.25 -15.44 22.97
CA SER A 82 -3.99 -14.12 22.37
C SER A 82 -4.53 -12.94 23.15
N THR A 83 -3.86 -11.82 22.92
CA THR A 83 -4.12 -10.51 23.48
C THR A 83 -3.98 -9.50 22.33
N VAL A 84 -4.86 -8.52 22.32
CA VAL A 84 -4.86 -7.48 21.26
C VAL A 84 -4.86 -6.10 21.93
N THR A 85 -3.85 -5.36 21.57
CA THR A 85 -3.55 -4.01 22.05
C THR A 85 -3.53 -2.96 20.96
N LEU A 86 -3.82 -1.74 21.39
CA LEU A 86 -3.82 -0.56 20.51
C LEU A 86 -2.65 0.35 20.93
N ALA A 87 -1.66 0.44 20.05
CA ALA A 87 -0.49 1.27 20.30
C ALA A 87 -0.07 2.13 19.12
N ARG A 88 -0.41 3.40 19.25
CA ARG A 88 -0.09 4.44 18.29
C ARG A 88 -0.46 4.05 16.87
N GLY A 89 -1.76 3.96 16.63
CA GLY A 89 -2.38 3.64 15.39
C GLY A 89 -2.37 2.22 14.89
N SER A 90 -1.57 1.33 15.45
CA SER A 90 -1.53 -0.07 14.97
C SER A 90 -2.12 -1.00 16.03
N LEU A 91 -2.80 -2.03 15.57
CA LEU A 91 -3.42 -3.07 16.39
C LEU A 91 -2.43 -4.24 16.49
N ASN A 92 -1.63 -4.24 17.54
CA ASN A 92 -0.65 -5.33 17.72
C ASN A 92 -1.40 -6.55 18.26
N GLN A 93 -0.98 -7.74 17.85
CA GLN A 93 -1.60 -8.99 18.32
C GLN A 93 -0.52 -9.97 18.79
N VAL A 94 -0.80 -10.61 19.91
CA VAL A 94 0.14 -11.58 20.51
C VAL A 94 -0.58 -12.92 20.66
N GLN A 95 0.06 -13.92 20.11
CA GLN A 95 -0.36 -15.33 20.12
C GLN A 95 0.71 -16.15 20.85
N LYS A 96 0.30 -16.82 21.92
CA LYS A 96 1.26 -17.65 22.68
C LYS A 96 0.76 -19.09 22.78
N TRP A 97 1.68 -20.01 22.59
CA TRP A 97 1.36 -21.45 22.65
C TRP A 97 2.61 -22.26 23.01
N ASN A 98 2.35 -23.21 23.91
CA ASN A 98 3.50 -24.04 24.40
C ASN A 98 4.43 -22.97 24.98
N GLY A 99 5.59 -22.79 24.39
CA GLY A 99 6.53 -21.75 24.86
C GLY A 99 6.85 -20.82 23.69
N ASN A 100 6.13 -21.05 22.60
CA ASN A 100 6.32 -20.26 21.38
C ASN A 100 5.46 -18.99 21.44
N GLU A 101 5.82 -18.09 20.54
CA GLU A 101 5.11 -16.80 20.46
C GLU A 101 5.32 -16.06 19.15
N THR A 102 4.19 -15.60 18.62
CA THR A 102 4.14 -14.84 17.35
C THR A 102 3.33 -13.57 17.50
N THR A 103 3.72 -12.57 16.71
CA THR A 103 3.11 -11.25 16.70
C THR A 103 2.61 -10.80 15.33
N ILE A 104 1.43 -10.21 15.36
CA ILE A 104 0.76 -9.67 14.18
C ILE A 104 0.41 -8.21 14.42
N LYS A 105 0.95 -7.35 13.57
CA LYS A 105 0.75 -5.90 13.66
C LYS A 105 0.01 -5.40 12.43
N ARG A 106 -1.04 -4.65 12.70
CA ARG A 106 -1.94 -4.05 11.74
C ARG A 106 -1.89 -2.52 11.87
N LYS A 107 -1.22 -1.92 10.91
CA LYS A 107 -1.04 -0.47 10.80
C LYS A 107 -1.69 0.00 9.49
N LEU A 108 -2.08 1.25 9.51
CA LEU A 108 -2.72 1.97 8.42
C LEU A 108 -1.72 2.89 7.71
N VAL A 109 -1.58 2.66 6.42
CA VAL A 109 -0.65 3.34 5.53
C VAL A 109 -1.27 3.75 4.20
N ASP A 110 -1.48 5.04 4.04
CA ASP A 110 -2.06 5.62 2.83
C ASP A 110 -3.36 4.90 2.40
N GLY A 111 -4.24 4.70 3.34
CA GLY A 111 -5.54 4.07 3.12
C GLY A 111 -5.43 2.61 2.73
N LYS A 112 -4.35 2.03 3.22
CA LYS A 112 -3.96 0.65 3.08
C LYS A 112 -3.65 0.11 4.48
N MET A 113 -3.85 -1.17 4.61
CA MET A 113 -3.58 -1.88 5.88
C MET A 113 -2.34 -2.72 5.59
N VAL A 114 -1.37 -2.53 6.45
CA VAL A 114 -0.12 -3.30 6.30
C VAL A 114 -0.05 -4.27 7.47
N VAL A 115 -0.12 -5.54 7.10
CA VAL A 115 -0.06 -6.64 8.05
C VAL A 115 1.38 -7.15 8.07
N GLU A 116 1.96 -7.01 9.25
CA GLU A 116 3.34 -7.45 9.56
C GLU A 116 3.23 -8.60 10.57
N CYS A 117 3.74 -9.73 10.15
CA CYS A 117 3.77 -10.99 10.87
C CYS A 117 5.20 -11.39 11.20
N LYS A 118 5.45 -11.58 12.48
CA LYS A 118 6.78 -11.99 12.95
C LYS A 118 6.68 -13.27 13.76
N MET A 119 7.62 -14.15 13.48
CA MET A 119 7.73 -15.46 14.14
C MET A 119 9.20 -15.85 14.21
N LYS A 120 9.81 -15.30 15.24
CA LYS A 120 11.21 -15.55 15.56
C LYS A 120 12.10 -15.61 14.35
N ASP A 121 12.69 -14.46 14.01
CA ASP A 121 13.63 -14.51 12.85
C ASP A 121 12.88 -14.51 11.53
N VAL A 122 11.59 -14.19 11.58
CA VAL A 122 10.81 -14.15 10.35
C VAL A 122 9.72 -13.10 10.38
N VAL A 123 9.74 -12.36 9.28
CA VAL A 123 8.75 -11.31 9.02
C VAL A 123 8.21 -11.55 7.60
N CYS A 124 6.92 -11.33 7.52
CA CYS A 124 6.16 -11.43 6.26
C CYS A 124 5.31 -10.15 6.26
N THR A 125 5.13 -9.56 5.11
CA THR A 125 4.36 -8.34 4.95
C THR A 125 3.28 -8.55 3.88
N ARG A 126 2.05 -8.48 4.32
CA ARG A 126 0.87 -8.64 3.47
C ARG A 126 0.13 -7.30 3.44
N ILE A 127 -0.10 -6.80 2.23
CA ILE A 127 -0.81 -5.53 2.06
C ILE A 127 -2.27 -5.80 1.66
N TYR A 128 -3.14 -4.98 2.21
CA TYR A 128 -4.58 -5.05 1.98
C TYR A 128 -5.16 -3.67 1.62
N GLU A 129 -6.13 -3.75 0.73
CA GLU A 129 -6.91 -2.64 0.18
C GLU A 129 -8.34 -2.71 0.73
N LYS A 130 -8.94 -1.55 0.91
CA LYS A 130 -10.29 -1.46 1.46
C LYS A 130 -11.35 -1.68 0.39
N VAL A 131 -12.31 -2.48 0.78
CA VAL A 131 -13.50 -3.00 0.18
C VAL A 131 -13.23 -4.12 -0.83
N SER B 1 29.26 13.86 16.34
CA SER B 1 29.39 15.31 16.51
C SER B 1 28.05 15.92 16.91
N ASN B 2 27.85 17.13 16.42
CA ASN B 2 26.59 17.86 16.72
C ASN B 2 25.84 18.28 15.49
N LYS B 3 26.43 19.07 14.61
CA LYS B 3 25.70 19.51 13.41
C LYS B 3 24.64 18.50 12.97
N PHE B 4 24.81 17.25 13.32
CA PHE B 4 23.86 16.19 12.95
C PHE B 4 22.65 16.17 13.86
N LEU B 5 22.80 16.66 15.08
CA LEU B 5 21.72 16.66 16.06
C LEU B 5 20.51 17.49 15.64
N GLY B 6 19.36 16.84 15.75
CA GLY B 6 18.08 17.46 15.43
C GLY B 6 17.13 16.53 14.68
N THR B 7 16.14 17.19 14.09
CA THR B 7 15.09 16.55 13.30
C THR B 7 15.22 16.98 11.84
N TRP B 8 15.41 15.99 10.99
CA TRP B 8 15.57 16.23 9.54
C TRP B 8 14.43 15.52 8.80
N LYS B 9 14.01 16.11 7.70
CA LYS B 9 12.93 15.53 6.88
C LYS B 9 13.46 15.25 5.48
N LEU B 10 13.03 14.13 4.93
CA LEU B 10 13.43 13.70 3.58
C LEU B 10 12.89 14.68 2.54
N VAL B 11 13.80 15.01 1.64
CA VAL B 11 13.52 15.96 0.56
C VAL B 11 13.76 15.39 -0.82
N SER B 12 14.88 14.73 -1.01
CA SER B 12 15.28 14.13 -2.29
C SER B 12 15.84 12.73 -2.09
N SER B 13 15.38 11.84 -2.95
CA SER B 13 15.82 10.43 -2.93
C SER B 13 16.20 10.03 -4.35
N GLU B 14 17.20 9.18 -4.47
CA GLU B 14 17.68 8.71 -5.79
C GLU B 14 18.32 7.34 -5.65
N ASN B 15 17.99 6.46 -6.55
CA ASN B 15 18.39 5.07 -6.70
C ASN B 15 18.04 4.24 -5.46
N PHE B 16 17.04 4.66 -4.72
CA PHE B 16 16.65 3.94 -3.50
C PHE B 16 16.10 2.56 -3.80
N ASP B 17 15.30 2.44 -4.84
CA ASP B 17 14.66 1.16 -5.22
C ASP B 17 15.69 0.07 -5.52
N GLU B 18 16.78 0.50 -6.11
CA GLU B 18 17.88 -0.41 -6.47
C GLU B 18 18.76 -0.73 -5.29
N TYR B 19 18.74 0.16 -4.31
CA TYR B 19 19.53 -0.04 -3.08
C TYR B 19 18.88 -1.23 -2.34
N MET B 20 17.59 -1.06 -2.11
CA MET B 20 16.73 -2.06 -1.47
C MET B 20 16.87 -3.37 -2.24
N LYS B 21 16.59 -3.24 -3.52
CA LYS B 21 16.67 -4.38 -4.45
C LYS B 21 17.95 -5.16 -4.16
N ALA B 22 19.04 -4.44 -4.14
CA ALA B 22 20.40 -4.95 -3.90
C ALA B 22 20.64 -5.54 -2.52
N LEU B 23 19.81 -5.23 -1.55
CA LEU B 23 19.93 -5.74 -0.18
C LEU B 23 19.13 -7.05 -0.04
N GLY B 24 18.27 -7.28 -1.01
CA GLY B 24 17.43 -8.45 -1.09
C GLY B 24 15.97 -8.18 -0.71
N VAL B 25 15.64 -6.93 -0.47
CA VAL B 25 14.26 -6.57 -0.09
C VAL B 25 13.34 -6.90 -1.27
N GLY B 26 12.20 -7.49 -0.93
CA GLY B 26 11.18 -7.90 -1.91
C GLY B 26 10.13 -6.82 -2.14
N LEU B 27 9.57 -6.87 -3.33
CA LEU B 27 8.56 -6.01 -3.88
C LEU B 27 7.62 -5.39 -2.86
N ALA B 28 7.07 -6.18 -1.96
CA ALA B 28 6.13 -5.65 -0.95
C ALA B 28 6.73 -4.45 -0.21
N THR B 29 7.79 -4.72 0.54
CA THR B 29 8.49 -3.73 1.34
C THR B 29 9.05 -2.58 0.51
N ARG B 30 9.33 -2.85 -0.74
CA ARG B 30 9.86 -1.84 -1.66
C ARG B 30 8.78 -0.82 -2.04
N LYS B 31 7.59 -1.33 -2.34
CA LYS B 31 6.51 -0.39 -2.72
C LYS B 31 6.35 0.63 -1.60
N LEU B 32 6.34 0.13 -0.38
CA LEU B 32 6.20 1.03 0.79
C LEU B 32 7.49 1.81 0.98
N GLY B 33 8.61 1.15 0.80
CA GLY B 33 9.95 1.74 0.90
C GLY B 33 10.07 3.02 0.07
N ASN B 34 9.58 2.96 -1.15
CA ASN B 34 9.62 4.08 -2.09
C ASN B 34 8.67 5.22 -1.79
N LEU B 35 7.48 4.94 -1.28
CA LEU B 35 6.48 5.98 -1.01
C LEU B 35 6.62 6.71 0.31
N ALA B 36 7.78 6.64 0.94
CA ALA B 36 7.92 7.27 2.25
C ALA B 36 8.86 8.46 2.33
N LYS B 37 8.42 9.35 3.21
CA LYS B 37 9.12 10.60 3.54
C LYS B 37 9.39 10.55 5.05
N PRO B 38 10.41 9.74 5.36
CA PRO B 38 10.83 9.53 6.74
C PRO B 38 11.38 10.81 7.35
N ARG B 39 11.35 10.80 8.65
CA ARG B 39 11.88 11.86 9.52
C ARG B 39 12.97 11.17 10.35
N VAL B 40 14.08 11.85 10.45
CA VAL B 40 15.22 11.33 11.26
C VAL B 40 15.47 12.34 12.38
N ILE B 41 15.62 11.78 13.55
CA ILE B 41 15.85 12.61 14.74
C ILE B 41 17.11 12.16 15.46
N ILE B 42 18.16 12.91 15.24
CA ILE B 42 19.47 12.65 15.85
C ILE B 42 19.54 13.46 17.15
N SER B 43 19.88 12.75 18.20
CA SER B 43 19.99 13.33 19.55
C SER B 43 21.11 12.61 20.28
N LYS B 44 21.71 13.33 21.21
CA LYS B 44 22.83 12.78 22.00
C LYS B 44 22.58 12.99 23.49
N LYS B 45 22.82 11.93 24.23
CA LYS B 45 22.68 11.95 25.70
C LYS B 45 23.93 11.28 26.28
N GLY B 46 24.75 12.13 26.89
CA GLY B 46 26.02 11.59 27.43
C GLY B 46 26.92 11.29 26.21
N ASP B 47 27.29 10.04 26.06
CA ASP B 47 28.15 9.59 24.96
C ASP B 47 27.42 8.61 24.03
N ILE B 48 26.14 8.45 24.31
CA ILE B 48 25.32 7.54 23.50
C ILE B 48 24.52 8.39 22.52
N ILE B 49 24.63 8.02 21.26
CA ILE B 49 23.91 8.76 20.20
C ILE B 49 22.71 7.93 19.73
N THR B 50 21.67 8.64 19.35
CA THR B 50 20.43 8.01 18.89
C THR B 50 19.99 8.64 17.57
N ILE B 51 19.66 7.78 16.65
CA ILE B 51 19.17 8.06 15.30
C ILE B 51 17.82 7.29 15.20
N ARG B 52 16.78 8.05 15.01
CA ARG B 52 15.42 7.51 14.94
C ARG B 52 14.65 7.94 13.70
N THR B 53 14.41 6.95 12.87
CA THR B 53 13.69 7.11 11.60
C THR B 53 12.22 6.81 11.84
N GLU B 54 11.41 7.79 11.56
CA GLU B 54 9.95 7.71 11.72
C GLU B 54 9.26 7.82 10.36
N SER B 55 8.26 7.01 10.18
CA SER B 55 7.40 6.87 8.99
C SER B 55 6.17 6.07 9.46
N PRO B 56 5.05 6.31 8.83
CA PRO B 56 3.79 5.65 9.20
C PRO B 56 3.88 4.13 9.06
N PHE B 57 4.72 3.71 8.12
CA PHE B 57 4.94 2.31 7.81
C PHE B 57 5.87 1.57 8.77
N LYS B 58 6.85 2.28 9.30
CA LYS B 58 7.86 1.68 10.19
C LYS B 58 8.72 2.71 10.90
N ASN B 59 9.16 2.35 12.09
CA ASN B 59 10.03 3.18 12.95
C ASN B 59 11.35 2.43 13.15
N THR B 60 12.35 3.16 13.57
CA THR B 60 13.71 2.61 13.77
C THR B 60 14.52 3.50 14.69
N GLU B 61 15.13 2.90 15.68
CA GLU B 61 15.98 3.56 16.65
C GLU B 61 17.28 2.76 16.82
N ILE B 62 18.37 3.47 17.03
CA ILE B 62 19.70 2.92 17.23
C ILE B 62 20.48 3.84 18.18
N SER B 63 21.17 3.17 19.10
CA SER B 63 21.98 3.88 20.11
C SER B 63 23.37 3.26 20.14
N PHE B 64 24.30 4.11 19.77
CA PHE B 64 25.72 3.79 19.67
C PHE B 64 26.56 4.94 20.29
N LYS B 65 27.81 4.57 20.38
CA LYS B 65 28.97 5.29 20.83
C LYS B 65 29.93 5.17 19.61
N LEU B 66 30.44 6.29 19.17
CA LEU B 66 31.36 6.22 18.00
C LEU B 66 32.45 5.20 18.32
N GLY B 67 32.83 4.43 17.32
CA GLY B 67 33.90 3.45 17.45
C GLY B 67 33.49 2.08 17.94
N GLN B 68 32.73 2.00 19.00
CA GLN B 68 32.29 0.69 19.54
C GLN B 68 31.39 0.03 18.50
N GLU B 69 31.40 -1.29 18.54
CA GLU B 69 30.56 -2.06 17.58
C GLU B 69 29.24 -2.32 18.31
N PHE B 70 28.20 -2.52 17.53
CA PHE B 70 26.85 -2.78 18.11
C PHE B 70 26.09 -3.69 17.16
N GLU B 71 24.99 -4.20 17.67
CA GLU B 71 24.10 -5.09 16.90
C GLU B 71 22.86 -4.26 16.54
N GLU B 72 22.68 -4.10 15.25
CA GLU B 72 21.56 -3.32 14.71
C GLU B 72 20.57 -4.22 13.99
N THR B 73 19.31 -4.02 14.32
CA THR B 73 18.21 -4.75 13.64
C THR B 73 17.67 -3.66 12.68
N THR B 74 17.89 -3.93 11.42
CA THR B 74 17.52 -3.02 10.34
C THR B 74 16.01 -2.92 10.16
N ALA B 75 15.65 -2.00 9.27
CA ALA B 75 14.25 -1.73 8.93
C ALA B 75 13.69 -2.84 8.07
N ASP B 76 14.60 -3.64 7.53
CA ASP B 76 14.27 -4.78 6.67
C ASP B 76 14.49 -6.12 7.36
N ASN B 77 14.41 -6.14 8.66
CA ASN B 77 14.57 -7.35 9.49
C ASN B 77 15.97 -7.95 9.45
N ARG B 78 16.96 -7.24 8.96
CA ARG B 78 18.34 -7.78 8.95
C ARG B 78 18.91 -7.63 10.38
N LYS B 79 19.79 -8.54 10.74
CA LYS B 79 20.46 -8.49 12.08
C LYS B 79 21.95 -8.27 11.82
N THR B 80 22.33 -7.03 11.98
CA THR B 80 23.66 -6.49 11.72
C THR B 80 24.59 -6.16 12.85
N LYS B 81 25.88 -6.23 12.52
CA LYS B 81 27.04 -5.92 13.37
C LYS B 81 27.57 -4.56 12.87
N SER B 82 27.05 -3.46 13.34
CA SER B 82 27.49 -2.15 12.87
C SER B 82 28.45 -1.41 13.78
N THR B 83 29.17 -0.50 13.15
CA THR B 83 30.16 0.40 13.72
C THR B 83 29.94 1.80 13.11
N VAL B 84 30.06 2.81 13.94
CA VAL B 84 29.87 4.20 13.48
C VAL B 84 31.14 5.00 13.78
N THR B 85 31.60 5.61 12.70
CA THR B 85 32.82 6.41 12.63
C THR B 85 32.62 7.85 12.23
N LEU B 86 33.54 8.66 12.73
CA LEU B 86 33.60 10.12 12.50
C LEU B 86 34.95 10.43 11.86
N ALA B 87 34.90 10.81 10.60
CA ALA B 87 36.08 11.13 9.80
C ALA B 87 35.82 12.28 8.85
N ARG B 88 36.40 13.41 9.20
CA ARG B 88 36.33 14.65 8.42
C ARG B 88 34.92 15.10 8.07
N GLY B 89 34.16 15.47 9.09
CA GLY B 89 32.81 15.98 9.02
C GLY B 89 31.69 15.04 8.69
N SER B 90 31.98 13.84 8.20
CA SER B 90 30.92 12.89 7.85
C SER B 90 30.95 11.69 8.81
N LEU B 91 29.77 11.24 9.12
CA LEU B 91 29.44 10.12 9.97
C LEU B 91 29.29 8.84 9.12
N ASN B 92 30.35 8.09 8.93
CA ASN B 92 30.27 6.85 8.14
C ASN B 92 29.82 5.72 9.09
N GLN B 93 28.98 4.87 8.54
CA GLN B 93 28.40 3.70 9.22
C GLN B 93 28.61 2.47 8.35
N VAL B 94 28.96 1.37 8.98
CA VAL B 94 29.22 0.10 8.27
C VAL B 94 28.35 -0.97 8.93
N GLN B 95 27.70 -1.71 8.07
CA GLN B 95 26.78 -2.80 8.46
C GLN B 95 27.38 -4.10 7.91
N LYS B 96 27.52 -5.05 8.81
CA LYS B 96 28.07 -6.37 8.45
C LYS B 96 27.06 -7.47 8.75
N TRP B 97 26.96 -8.40 7.80
CA TRP B 97 26.04 -9.54 7.90
C TRP B 97 26.44 -10.58 6.85
N ASN B 98 26.43 -11.82 7.31
CA ASN B 98 26.84 -12.98 6.44
C ASN B 98 28.23 -12.56 5.95
N GLY B 99 28.43 -12.40 4.69
CA GLY B 99 29.74 -11.95 4.15
C GLY B 99 29.52 -10.59 3.45
N ASN B 100 28.32 -10.07 3.66
CA ASN B 100 27.86 -8.81 3.10
C ASN B 100 28.26 -7.60 3.95
N GLU B 101 28.25 -6.46 3.26
CA GLU B 101 28.61 -5.18 3.87
C GLU B 101 28.15 -4.00 3.04
N THR B 102 27.46 -3.10 3.71
CA THR B 102 26.92 -1.86 3.16
C THR B 102 27.39 -0.67 4.00
N THR B 103 27.49 0.47 3.36
CA THR B 103 27.95 1.73 3.91
C THR B 103 26.99 2.90 3.87
N ILE B 104 26.85 3.57 4.99
CA ILE B 104 25.99 4.74 5.15
C ILE B 104 26.84 5.90 5.65
N LYS B 105 26.98 6.92 4.82
CA LYS B 105 27.75 8.13 5.10
C LYS B 105 26.82 9.31 5.20
N ARG B 106 26.92 10.07 6.27
CA ARG B 106 26.06 11.25 6.46
C ARG B 106 27.00 12.46 6.52
N LYS B 107 26.94 13.28 5.48
CA LYS B 107 27.79 14.49 5.42
C LYS B 107 26.88 15.70 5.37
N LEU B 108 27.39 16.82 5.82
CA LEU B 108 26.68 18.10 5.85
C LEU B 108 27.17 19.00 4.72
N VAL B 109 26.20 19.39 3.92
CA VAL B 109 26.33 20.22 2.74
C VAL B 109 25.25 21.32 2.77
N ASP B 110 25.68 22.55 2.94
CA ASP B 110 24.82 23.73 2.98
C ASP B 110 23.61 23.58 3.90
N GLY B 111 23.81 23.18 5.13
CA GLY B 111 22.67 23.03 6.08
C GLY B 111 21.71 21.95 5.61
N LYS B 112 22.27 21.04 4.83
CA LYS B 112 21.52 19.89 4.32
C LYS B 112 22.33 18.64 4.65
N MET B 113 21.64 17.55 4.88
CA MET B 113 22.31 16.29 5.22
C MET B 113 22.24 15.42 3.95
N VAL B 114 23.40 14.98 3.54
CA VAL B 114 23.45 14.13 2.32
C VAL B 114 23.87 12.74 2.79
N VAL B 115 22.93 11.86 2.64
CA VAL B 115 23.06 10.44 3.01
C VAL B 115 23.32 9.65 1.73
N GLU B 116 24.48 9.04 1.71
CA GLU B 116 24.90 8.21 0.57
C GLU B 116 25.01 6.78 1.08
N CYS B 117 24.27 5.90 0.45
CA CYS B 117 24.20 4.47 0.79
C CYS B 117 24.78 3.64 -0.35
N LYS B 118 25.79 2.86 -0.04
CA LYS B 118 26.43 2.00 -1.04
C LYS B 118 26.32 0.56 -0.59
N MET B 119 26.08 -0.29 -1.57
CA MET B 119 25.95 -1.74 -1.35
C MET B 119 26.43 -2.45 -2.61
N LYS B 120 27.74 -2.60 -2.66
CA LYS B 120 28.43 -3.25 -3.75
C LYS B 120 27.83 -2.95 -5.12
N ASP B 121 28.35 -1.94 -5.78
CA ASP B 121 27.86 -1.64 -7.17
C ASP B 121 26.62 -0.79 -7.19
N VAL B 122 26.22 -0.26 -6.04
CA VAL B 122 25.00 0.54 -6.02
C VAL B 122 25.10 1.73 -5.07
N VAL B 123 24.75 2.88 -5.63
CA VAL B 123 24.77 4.14 -4.89
C VAL B 123 23.38 4.78 -4.96
N CYS B 124 22.97 5.22 -3.80
CA CYS B 124 21.67 5.88 -3.59
C CYS B 124 21.92 7.15 -2.80
N THR B 125 21.31 8.24 -3.20
CA THR B 125 21.50 9.55 -2.54
C THR B 125 20.18 10.12 -2.05
N ARG B 126 20.06 10.19 -0.74
CA ARG B 126 18.85 10.74 -0.11
C ARG B 126 19.29 12.00 0.64
N ILE B 127 18.62 13.11 0.35
CA ILE B 127 18.93 14.40 0.99
C ILE B 127 17.83 14.78 1.96
N TYR B 128 18.25 15.41 3.06
CA TYR B 128 17.33 15.85 4.12
C TYR B 128 17.54 17.32 4.45
N GLU B 129 16.48 17.87 4.98
CA GLU B 129 16.34 19.24 5.44
C GLU B 129 16.11 19.19 6.96
N LYS B 130 16.59 20.23 7.61
CA LYS B 130 16.48 20.35 9.07
C LYS B 130 15.11 20.81 9.51
N VAL B 131 14.65 20.13 10.54
CA VAL B 131 13.36 20.32 11.20
C VAL B 131 12.25 19.85 10.27
N SER C 1 -9.21 12.22 -6.54
CA SER C 1 -9.56 11.71 -5.20
C SER C 1 -9.18 10.24 -5.12
N ASN C 2 -9.81 9.62 -4.12
CA ASN C 2 -9.53 8.18 -3.88
C ASN C 2 -10.80 7.36 -3.92
N LYS C 3 -11.75 7.67 -3.06
CA LYS C 3 -13.00 6.90 -3.01
C LYS C 3 -13.31 6.19 -4.32
N PHE C 4 -12.73 6.69 -5.40
CA PHE C 4 -12.91 6.15 -6.74
C PHE C 4 -12.05 4.92 -7.00
N LEU C 5 -10.88 4.89 -6.41
CA LEU C 5 -9.89 3.83 -6.56
C LEU C 5 -10.41 2.48 -6.13
N GLY C 6 -10.22 1.51 -7.02
CA GLY C 6 -10.64 0.13 -6.83
C GLY C 6 -11.17 -0.47 -8.12
N THR C 7 -11.84 -1.60 -7.95
CA THR C 7 -12.46 -2.39 -9.01
C THR C 7 -13.98 -2.32 -8.80
N TRP C 8 -14.67 -1.90 -9.84
CA TRP C 8 -16.14 -1.79 -9.78
C TRP C 8 -16.76 -2.68 -10.86
N LYS C 9 -17.93 -3.20 -10.54
CA LYS C 9 -18.66 -4.04 -11.50
C LYS C 9 -20.02 -3.41 -11.80
N LEU C 10 -20.35 -3.38 -13.08
CA LEU C 10 -21.64 -2.82 -13.54
C LEU C 10 -22.77 -3.64 -12.90
N VAL C 11 -23.77 -2.89 -12.44
CA VAL C 11 -24.93 -3.46 -11.78
C VAL C 11 -26.24 -3.06 -12.49
N SER C 12 -26.33 -1.79 -12.85
CA SER C 12 -27.54 -1.28 -13.50
C SER C 12 -27.22 -0.26 -14.60
N SER C 13 -27.96 -0.40 -15.69
CA SER C 13 -27.77 0.49 -16.84
C SER C 13 -29.11 1.06 -17.29
N GLU C 14 -29.03 2.30 -17.76
CA GLU C 14 -30.23 3.00 -18.21
C GLU C 14 -29.94 3.87 -19.43
N ASN C 15 -30.81 3.74 -20.40
CA ASN C 15 -30.75 4.51 -21.66
C ASN C 15 -29.38 4.42 -22.33
N PHE C 16 -28.69 3.32 -22.17
CA PHE C 16 -27.33 3.24 -22.78
C PHE C 16 -27.51 3.01 -24.27
N ASP C 17 -28.56 2.27 -24.60
CA ASP C 17 -28.81 1.99 -26.03
C ASP C 17 -28.88 3.29 -26.82
N GLU C 18 -29.60 4.25 -26.25
CA GLU C 18 -29.77 5.56 -26.86
C GLU C 18 -28.57 6.48 -26.76
N TYR C 19 -27.75 6.29 -25.72
CA TYR C 19 -26.54 7.13 -25.58
C TYR C 19 -25.67 6.81 -26.81
N MET C 20 -25.41 5.52 -26.97
CA MET C 20 -24.60 4.99 -28.09
C MET C 20 -25.20 5.51 -29.41
N LYS C 21 -26.49 5.27 -29.57
CA LYS C 21 -27.19 5.71 -30.79
C LYS C 21 -26.85 7.18 -31.05
N ALA C 22 -27.04 7.98 -30.02
CA ALA C 22 -26.77 9.42 -30.07
C ALA C 22 -25.33 9.73 -30.41
N LEU C 23 -24.46 8.76 -30.23
CA LEU C 23 -23.02 8.96 -30.51
C LEU C 23 -22.72 8.59 -31.96
N GLY C 24 -23.66 7.86 -32.54
CA GLY C 24 -23.54 7.42 -33.93
C GLY C 24 -23.05 5.98 -34.05
N VAL C 25 -22.96 5.27 -32.94
CA VAL C 25 -22.49 3.86 -32.97
C VAL C 25 -23.52 3.03 -33.73
N GLY C 26 -23.07 2.06 -34.52
CA GLY C 26 -23.97 1.20 -35.28
C GLY C 26 -24.39 -0.10 -34.61
N LEU C 27 -25.58 -0.54 -34.97
CA LEU C 27 -26.23 -1.75 -34.51
C LEU C 27 -25.28 -2.79 -33.90
N ALA C 28 -24.32 -3.18 -34.71
CA ALA C 28 -23.33 -4.19 -34.34
C ALA C 28 -22.78 -3.96 -32.93
N THR C 29 -21.99 -2.92 -32.82
CA THR C 29 -21.34 -2.47 -31.60
C THR C 29 -22.33 -2.26 -30.45
N ARG C 30 -23.53 -1.85 -30.83
CA ARG C 30 -24.61 -1.59 -29.86
C ARG C 30 -25.11 -2.90 -29.28
N LYS C 31 -25.24 -3.89 -30.16
CA LYS C 31 -25.73 -5.20 -29.66
C LYS C 31 -24.76 -5.70 -28.60
N LEU C 32 -23.48 -5.53 -28.87
CA LEU C 32 -22.45 -5.97 -27.90
C LEU C 32 -22.45 -5.03 -26.69
N GLY C 33 -22.54 -3.75 -27.01
CA GLY C 33 -22.57 -2.65 -26.08
C GLY C 33 -23.56 -2.83 -24.94
N ASN C 34 -24.78 -3.20 -25.29
CA ASN C 34 -25.87 -3.39 -24.34
C ASN C 34 -25.72 -4.72 -23.58
N LEU C 35 -25.17 -5.70 -24.23
CA LEU C 35 -25.01 -7.04 -23.64
C LEU C 35 -23.84 -7.19 -22.71
N ALA C 36 -23.28 -6.08 -22.26
CA ALA C 36 -22.10 -6.16 -21.41
C ALA C 36 -22.26 -5.50 -20.04
N LYS C 37 -21.54 -6.18 -19.16
CA LYS C 37 -21.38 -5.84 -17.76
C LYS C 37 -19.85 -5.73 -17.61
N PRO C 38 -19.37 -4.57 -18.05
CA PRO C 38 -17.94 -4.27 -17.99
C PRO C 38 -17.47 -4.11 -16.56
N ARG C 39 -16.17 -4.26 -16.38
CA ARG C 39 -15.51 -4.09 -15.07
C ARG C 39 -14.59 -2.87 -15.17
N VAL C 40 -14.69 -2.02 -14.17
CA VAL C 40 -13.84 -0.81 -14.17
C VAL C 40 -12.91 -0.87 -12.97
N ILE C 41 -11.67 -0.53 -13.28
CA ILE C 41 -10.58 -0.56 -12.29
C ILE C 41 -9.81 0.74 -12.29
N ILE C 42 -10.16 1.57 -11.32
CA ILE C 42 -9.54 2.89 -11.12
C ILE C 42 -8.33 2.76 -10.21
N SER C 43 -7.23 3.33 -10.68
CA SER C 43 -5.97 3.26 -9.92
C SER C 43 -5.16 4.53 -10.14
N LYS C 44 -4.39 4.87 -9.13
CA LYS C 44 -3.54 6.07 -9.14
C LYS C 44 -2.09 5.75 -8.87
N LYS C 45 -1.24 6.23 -9.77
CA LYS C 45 0.22 6.05 -9.61
C LYS C 45 0.87 7.42 -9.75
N GLY C 46 1.27 7.91 -8.58
CA GLY C 46 1.87 9.26 -8.51
C GLY C 46 0.67 10.23 -8.69
N ASP C 47 0.69 10.94 -9.78
CA ASP C 47 -0.36 11.94 -10.08
C ASP C 47 -1.16 11.60 -11.34
N ILE C 48 -0.88 10.45 -11.90
CA ILE C 48 -1.55 9.96 -13.12
C ILE C 48 -2.56 8.89 -12.72
N ILE C 49 -3.78 9.10 -13.19
CA ILE C 49 -4.86 8.15 -12.91
C ILE C 49 -5.16 7.32 -14.17
N THR C 50 -5.52 6.08 -13.88
CA THR C 50 -5.86 5.12 -14.92
C THR C 50 -7.28 4.60 -14.63
N ILE C 51 -8.06 4.56 -15.69
CA ILE C 51 -9.45 4.05 -15.64
C ILE C 51 -9.42 2.89 -16.64
N ARG C 52 -9.73 1.70 -16.13
CA ARG C 52 -9.69 0.51 -16.98
C ARG C 52 -10.95 -0.31 -17.07
N THR C 53 -11.49 -0.30 -18.28
CA THR C 53 -12.72 -1.00 -18.63
C THR C 53 -12.44 -2.28 -19.41
N GLU C 54 -12.81 -3.36 -18.75
CA GLU C 54 -12.67 -4.72 -19.25
C GLU C 54 -14.06 -5.34 -19.46
N SER C 55 -14.11 -6.06 -20.55
CA SER C 55 -15.24 -6.81 -21.07
C SER C 55 -14.67 -7.76 -22.15
N PRO C 56 -15.33 -8.89 -22.29
CA PRO C 56 -14.90 -9.90 -23.27
C PRO C 56 -14.69 -9.26 -24.63
N PHE C 57 -15.62 -8.40 -24.96
CA PHE C 57 -15.68 -7.68 -26.23
C PHE C 57 -14.63 -6.61 -26.42
N LYS C 58 -14.26 -5.92 -25.37
CA LYS C 58 -13.25 -4.85 -25.52
C LYS C 58 -12.77 -4.37 -24.15
N ASN C 59 -11.57 -3.85 -24.19
CA ASN C 59 -10.79 -3.29 -23.08
C ASN C 59 -10.49 -1.83 -23.42
N THR C 60 -10.29 -1.04 -22.37
CA THR C 60 -10.04 0.41 -22.57
C THR C 60 -9.24 0.94 -21.41
N GLU C 61 -8.19 1.70 -21.72
CA GLU C 61 -7.37 2.26 -20.63
C GLU C 61 -7.16 3.75 -20.83
N ILE C 62 -7.11 4.48 -19.73
CA ILE C 62 -6.89 5.92 -19.77
C ILE C 62 -6.11 6.37 -18.54
N SER C 63 -5.11 7.19 -18.82
CA SER C 63 -4.22 7.74 -17.79
C SER C 63 -4.17 9.26 -17.92
N PHE C 64 -4.65 9.89 -16.85
CA PHE C 64 -4.67 11.37 -16.85
C PHE C 64 -4.26 11.86 -15.46
N LYS C 65 -4.09 13.16 -15.43
CA LYS C 65 -3.79 14.02 -14.28
C LYS C 65 -4.96 15.01 -14.38
N LEU C 66 -5.71 15.14 -13.31
CA LEU C 66 -6.86 16.05 -13.34
C LEU C 66 -6.40 17.43 -13.83
N GLY C 67 -7.24 18.06 -14.62
CA GLY C 67 -7.01 19.39 -15.17
C GLY C 67 -6.34 19.44 -16.52
N GLN C 68 -5.25 18.71 -16.66
CA GLN C 68 -4.51 18.68 -17.96
C GLN C 68 -5.43 18.07 -19.01
N GLU C 69 -5.18 18.43 -20.25
CA GLU C 69 -5.98 17.90 -21.37
C GLU C 69 -5.25 16.68 -21.94
N PHE C 70 -6.01 15.74 -22.46
CA PHE C 70 -5.40 14.51 -23.04
C PHE C 70 -6.23 14.05 -24.23
N GLU C 71 -5.60 13.22 -25.04
CA GLU C 71 -6.25 12.67 -26.24
C GLU C 71 -6.59 11.22 -25.92
N GLU C 72 -7.88 10.95 -25.95
CA GLU C 72 -8.36 9.58 -25.64
C GLU C 72 -9.07 9.05 -26.88
N THR C 73 -8.81 7.80 -27.18
CA THR C 73 -9.45 7.08 -28.30
C THR C 73 -10.51 6.24 -27.55
N THR C 74 -11.75 6.46 -27.91
CA THR C 74 -12.86 5.75 -27.24
C THR C 74 -12.93 4.30 -27.64
N ALA C 75 -13.90 3.63 -27.03
CA ALA C 75 -14.18 2.21 -27.27
C ALA C 75 -14.90 2.12 -28.61
N ASP C 76 -15.36 3.26 -29.10
CA ASP C 76 -16.08 3.33 -30.38
C ASP C 76 -15.25 3.96 -31.49
N ASN C 77 -13.95 3.89 -31.35
CA ASN C 77 -12.96 4.39 -32.31
C ASN C 77 -12.93 5.89 -32.48
N ARG C 78 -13.56 6.64 -31.61
CA ARG C 78 -13.55 8.11 -31.69
C ARG C 78 -12.20 8.63 -31.13
N LYS C 79 -11.76 9.73 -31.73
CA LYS C 79 -10.50 10.41 -31.36
C LYS C 79 -10.84 11.78 -30.79
N THR C 80 -10.83 11.81 -29.48
CA THR C 80 -11.16 12.84 -28.55
C THR C 80 -10.08 13.54 -27.76
N LYS C 81 -10.41 14.77 -27.41
CA LYS C 81 -9.65 15.74 -26.64
C LYS C 81 -10.38 15.90 -25.28
N SER C 82 -9.98 15.07 -24.34
CA SER C 82 -10.61 15.04 -23.02
C SER C 82 -9.85 15.77 -21.92
N THR C 83 -10.65 16.15 -20.95
CA THR C 83 -10.30 16.84 -19.73
C THR C 83 -11.08 16.21 -18.57
N VAL C 84 -10.42 16.05 -17.46
CA VAL C 84 -11.03 15.47 -16.26
C VAL C 84 -10.81 16.41 -15.06
N THR C 85 -11.95 16.70 -14.46
CA THR C 85 -12.09 17.58 -13.31
C THR C 85 -12.81 16.87 -12.16
N LEU C 86 -12.48 17.37 -11.00
CA LEU C 86 -13.01 16.92 -9.70
C LEU C 86 -13.76 18.13 -9.10
N ALA C 87 -15.07 17.98 -9.07
CA ALA C 87 -15.96 19.04 -8.58
C ALA C 87 -16.96 18.52 -7.56
N ARG C 88 -16.74 18.95 -6.32
CA ARG C 88 -17.60 18.58 -5.20
C ARG C 88 -17.96 17.10 -5.23
N GLY C 89 -16.95 16.29 -4.98
CA GLY C 89 -17.01 14.86 -4.91
C GLY C 89 -17.20 14.05 -6.15
N SER C 90 -17.49 14.67 -7.29
CA SER C 90 -17.70 13.88 -8.52
C SER C 90 -16.63 14.16 -9.56
N LEU C 91 -16.30 13.14 -10.31
CA LEU C 91 -15.30 13.16 -11.38
C LEU C 91 -15.96 13.47 -12.73
N ASN C 92 -16.04 14.74 -13.09
CA ASN C 92 -16.67 15.08 -14.39
C ASN C 92 -15.63 14.98 -15.53
N GLN C 93 -16.07 14.39 -16.62
CA GLN C 93 -15.23 14.18 -17.82
C GLN C 93 -15.94 14.83 -19.00
N VAL C 94 -15.15 15.47 -19.83
CA VAL C 94 -15.60 16.13 -21.06
C VAL C 94 -14.81 15.57 -22.25
N GLN C 95 -15.55 15.14 -23.23
CA GLN C 95 -14.99 14.58 -24.47
C GLN C 95 -15.44 15.51 -25.61
N LYS C 96 -14.46 16.05 -26.30
CA LYS C 96 -14.77 16.97 -27.42
C LYS C 96 -14.18 16.38 -28.71
N TRP C 97 -14.99 16.43 -29.74
CA TRP C 97 -14.61 15.95 -31.08
C TRP C 97 -15.46 16.69 -32.13
N ASN C 98 -14.76 17.05 -33.19
CA ASN C 98 -15.42 17.84 -34.28
C ASN C 98 -16.00 19.05 -33.54
N GLY C 99 -17.30 19.19 -33.51
CA GLY C 99 -17.93 20.33 -32.78
C GLY C 99 -18.83 19.73 -31.69
N ASN C 100 -18.69 18.41 -31.56
CA ASN C 100 -19.45 17.62 -30.59
C ASN C 100 -18.73 17.55 -29.25
N GLU C 101 -19.51 17.23 -28.23
CA GLU C 101 -18.96 17.09 -26.86
C GLU C 101 -19.98 16.37 -25.98
N THR C 102 -19.48 15.42 -25.23
CA THR C 102 -20.24 14.58 -24.30
C THR C 102 -19.66 14.69 -22.91
N THR C 103 -20.48 14.36 -21.92
CA THR C 103 -19.96 14.44 -20.53
C THR C 103 -20.28 13.20 -19.73
N ILE C 104 -19.27 12.80 -18.94
CA ILE C 104 -19.35 11.62 -18.06
C ILE C 104 -19.04 12.05 -16.63
N LYS C 105 -20.00 11.89 -15.75
CA LYS C 105 -19.82 12.26 -14.34
C LYS C 105 -19.88 10.99 -13.48
N ARG C 106 -18.93 10.90 -12.58
CA ARG C 106 -18.87 9.75 -11.65
C ARG C 106 -18.91 10.33 -10.23
N LYS C 107 -20.05 10.13 -9.60
CA LYS C 107 -20.25 10.58 -8.20
C LYS C 107 -20.46 9.31 -7.38
N LEU C 108 -20.21 9.40 -6.09
CA LEU C 108 -20.36 8.23 -5.21
C LEU C 108 -21.65 8.35 -4.40
N VAL C 109 -22.38 7.25 -4.36
CA VAL C 109 -23.66 7.19 -3.63
C VAL C 109 -23.83 5.83 -2.99
N ASP C 110 -23.87 5.85 -1.67
CA ASP C 110 -24.02 4.70 -0.78
C ASP C 110 -23.04 3.58 -1.12
N GLY C 111 -21.78 3.96 -1.27
CA GLY C 111 -20.74 2.97 -1.61
C GLY C 111 -20.99 2.36 -2.97
N LYS C 112 -21.66 3.13 -3.81
CA LYS C 112 -21.98 2.75 -5.20
C LYS C 112 -21.50 3.90 -6.08
N MET C 113 -21.13 3.56 -7.29
CA MET C 113 -20.66 4.55 -8.27
C MET C 113 -21.80 4.78 -9.27
N VAL C 114 -22.17 6.03 -9.37
CA VAL C 114 -23.23 6.51 -10.26
C VAL C 114 -22.56 7.27 -11.41
N VAL C 115 -22.58 6.63 -12.55
CA VAL C 115 -22.01 7.17 -13.80
C VAL C 115 -23.18 7.67 -14.65
N GLU C 116 -23.13 8.97 -14.89
CA GLU C 116 -24.17 9.67 -15.66
C GLU C 116 -23.56 10.13 -16.99
N CYS C 117 -24.16 9.66 -18.07
CA CYS C 117 -23.73 9.94 -19.43
C CYS C 117 -24.73 10.78 -20.21
N LYS C 118 -24.26 11.98 -20.55
CA LYS C 118 -25.07 12.95 -21.28
C LYS C 118 -24.42 13.30 -22.62
N MET C 119 -25.25 13.25 -23.64
CA MET C 119 -24.83 13.53 -25.03
C MET C 119 -26.01 14.17 -25.78
N LYS C 120 -26.03 15.48 -25.64
CA LYS C 120 -27.02 16.33 -26.27
C LYS C 120 -28.40 15.70 -26.31
N ASP C 121 -29.18 15.97 -25.27
CA ASP C 121 -30.57 15.47 -25.27
C ASP C 121 -30.76 14.06 -24.79
N VAL C 122 -29.73 13.44 -24.26
CA VAL C 122 -29.91 12.06 -23.77
C VAL C 122 -28.99 11.87 -22.54
N VAL C 123 -29.59 11.20 -21.58
CA VAL C 123 -28.90 10.89 -20.32
C VAL C 123 -28.99 9.37 -20.12
N CYS C 124 -27.85 8.85 -19.72
CA CYS C 124 -27.69 7.41 -19.45
C CYS C 124 -27.13 7.31 -18.04
N THR C 125 -27.69 6.39 -17.28
CA THR C 125 -27.27 6.16 -15.89
C THR C 125 -26.94 4.70 -15.68
N ARG C 126 -25.67 4.48 -15.45
CA ARG C 126 -25.13 3.12 -15.19
C ARG C 126 -24.52 3.16 -13.79
N ILE C 127 -24.96 2.25 -12.97
CA ILE C 127 -24.54 2.10 -11.57
C ILE C 127 -23.60 0.92 -11.42
N TYR C 128 -22.57 1.14 -10.62
CA TYR C 128 -21.55 0.11 -10.36
C TYR C 128 -21.38 -0.11 -8.86
N GLU C 129 -20.91 -1.30 -8.56
CA GLU C 129 -20.60 -1.79 -7.21
C GLU C 129 -19.09 -2.04 -7.13
N LYS C 130 -18.55 -1.95 -5.93
CA LYS C 130 -17.12 -2.13 -5.68
C LYS C 130 -16.72 -3.61 -5.55
N VAL C 131 -15.64 -3.87 -6.25
CA VAL C 131 -14.96 -5.15 -6.36
C VAL C 131 -15.79 -6.13 -7.19
#